data_9EMP
#
_entry.id   9EMP
#
_cell.length_a   49.929
_cell.length_b   111.853
_cell.length_c   156.855
_cell.angle_alpha   90.000
_cell.angle_beta   90.000
_cell.angle_gamma   90.000
#
_symmetry.space_group_name_H-M   'I 2 2 2'
#
loop_
_entity.id
_entity.type
_entity.pdbx_description
1 polymer 'Probable N-acetyltransferase 16'
2 non-polymer 'COENZYME A'
3 non-polymer '(2~{S})-3-(1~{H}-imidazol-5-yl)-2-(tetradecanoylamino)propanoic acid'
4 non-polymer GLYCEROL
5 water water
#
_entity_poly.entity_id   1
_entity_poly.type   'polypeptide(L)'
_entity_poly.pdbx_seq_one_letter_code
;MKLEPEAEAEPLDFVVATEREFEEVLAISGGIYGGLDYLPSRYHSWLRDPDRTVVLAKRNGGVIALESVNVIDAGETVLV
EGLRVAPWERGKGVAGLLQRFCSQLVKRQHPGVKVARLTRDDQLGPRELKKYRLITKQGILLVRFNASALLAGLGARLAA
LRTSGTFSPLPTEAVSEAGGDVARLLLSPSVQRDVLPGGTIIQDWQPYRPSESNLRLLAAKGLEWRVDSRARPRVLTLCT
RPFPIPHGGDGTWRYLNIDAFGSDGAQVQSQLLWHLQRQAPRLVGLNVMCQLFLEPQLWSQLADFCQVGLGLELVKGYTE
QYLLEADIHHHHHH
;
_entity_poly.pdbx_strand_id   A
#
loop_
_chem_comp.id
_chem_comp.type
_chem_comp.name
_chem_comp.formula
A1H51 non-polymer '(2~{S})-3-(1~{H}-imidazol-5-yl)-2-(tetradecanoylamino)propanoic acid' 'C20 H35 N3 O3'
COA non-polymer 'COENZYME A' 'C21 H36 N7 O16 P3 S'
GOL non-polymer GLYCEROL 'C3 H8 O3'
#
# COMPACT_ATOMS: atom_id res chain seq x y z
N MET A 1 -0.90 7.70 -47.41
N MET A 1 -0.85 7.76 -47.33
CA MET A 1 -1.60 6.47 -47.02
CA MET A 1 -1.66 6.58 -47.01
C MET A 1 -1.68 6.40 -45.50
C MET A 1 -1.67 6.39 -45.50
N LYS A 2 -2.75 5.82 -44.98
CA LYS A 2 -2.94 5.66 -43.55
C LYS A 2 -2.59 4.25 -43.13
N LEU A 3 -2.23 4.10 -41.86
CA LEU A 3 -2.08 2.78 -41.25
C LEU A 3 -3.47 2.20 -41.01
N GLU A 4 -3.75 1.06 -41.61
CA GLU A 4 -5.06 0.44 -41.44
C GLU A 4 -5.11 -0.29 -40.10
N PRO A 5 -6.11 -0.04 -39.25
CA PRO A 5 -6.26 -0.84 -38.03
C PRO A 5 -6.31 -2.31 -38.37
N GLU A 6 -5.34 -3.08 -37.88
CA GLU A 6 -5.30 -4.51 -38.14
C GLU A 6 -6.05 -5.25 -37.05
N ALA A 7 -6.79 -6.28 -37.45
CA ALA A 7 -7.60 -7.05 -36.53
C ALA A 7 -6.80 -8.19 -35.91
N GLU A 8 -7.25 -8.63 -34.74
CA GLU A 8 -6.62 -9.72 -34.02
C GLU A 8 -7.44 -10.99 -34.22
N ALA A 9 -6.73 -12.12 -34.38
CA ALA A 9 -7.42 -13.39 -34.54
C ALA A 9 -8.22 -13.77 -33.29
N GLU A 10 -7.89 -13.20 -32.14
CA GLU A 10 -8.54 -13.52 -30.88
C GLU A 10 -8.68 -12.24 -30.08
N PRO A 11 -9.62 -11.38 -30.46
CA PRO A 11 -9.72 -10.06 -29.82
C PRO A 11 -10.00 -10.16 -28.33
N LEU A 12 -9.60 -9.12 -27.60
CA LEU A 12 -9.83 -9.06 -26.17
C LEU A 12 -11.22 -8.51 -25.90
N ASP A 13 -11.89 -9.08 -24.90
CA ASP A 13 -13.15 -8.58 -24.39
C ASP A 13 -12.90 -8.03 -22.99
N PHE A 14 -13.32 -6.79 -22.75
CA PHE A 14 -13.14 -6.13 -21.46
C PHE A 14 -14.48 -6.04 -20.75
N VAL A 15 -14.54 -6.59 -19.54
CA VAL A 15 -15.79 -6.71 -18.80
C VAL A 15 -15.52 -6.36 -17.34
N VAL A 16 -16.60 -5.99 -16.63
CA VAL A 16 -16.51 -5.67 -15.22
C VAL A 16 -16.51 -6.97 -14.43
N ALA A 17 -15.58 -7.07 -13.50
CA ALA A 17 -15.41 -8.26 -12.69
C ALA A 17 -16.64 -8.52 -11.83
N THR A 18 -16.90 -9.80 -11.61
CA THR A 18 -17.93 -10.23 -10.68
C THR A 18 -17.32 -11.29 -9.76
N GLU A 19 -18.08 -11.71 -8.75
CA GLU A 19 -17.56 -12.73 -7.84
C GLU A 19 -17.31 -14.06 -8.54
N ARG A 20 -18.01 -14.34 -9.65
CA ARG A 20 -17.85 -15.63 -10.33
C ARG A 20 -16.44 -15.80 -10.92
N GLU A 21 -15.73 -14.71 -11.17
CA GLU A 21 -14.40 -14.81 -11.78
C GLU A 21 -13.28 -14.90 -10.75
N PHE A 22 -13.58 -14.98 -9.46
CA PHE A 22 -12.52 -14.95 -8.45
C PHE A 22 -11.46 -16.00 -8.72
N GLU A 23 -11.87 -17.23 -8.97
CA GLU A 23 -10.89 -18.32 -9.13
C GLU A 23 -10.05 -18.10 -10.37
N GLU A 24 -10.64 -17.61 -11.44
CA GLU A 24 -9.84 -17.34 -12.63
C GLU A 24 -8.85 -16.21 -12.39
N VAL A 25 -9.21 -15.24 -11.55
CA VAL A 25 -8.28 -14.16 -11.21
C VAL A 25 -7.13 -14.71 -10.38
N LEU A 26 -7.41 -15.56 -9.40
CA LEU A 26 -6.30 -16.18 -8.67
C LEU A 26 -5.37 -16.92 -9.64
N ALA A 27 -5.94 -17.56 -10.65
CA ALA A 27 -5.15 -18.39 -11.56
C ALA A 27 -4.19 -17.55 -12.42
N ILE A 28 -4.42 -16.25 -12.54
CA ILE A 28 -3.49 -15.40 -13.27
C ILE A 28 -2.52 -14.68 -12.35
N SER A 29 -2.58 -14.95 -11.05
CA SER A 29 -1.91 -14.13 -10.05
C SER A 29 -0.78 -14.85 -9.33
N GLY A 30 -0.32 -15.96 -9.85
CA GLY A 30 0.72 -16.71 -9.19
C GLY A 30 1.98 -15.89 -9.04
N GLY A 31 2.56 -15.89 -7.84
CA GLY A 31 3.85 -15.29 -7.61
C GLY A 31 3.87 -13.78 -7.48
N ILE A 32 2.72 -13.11 -7.58
CA ILE A 32 2.72 -11.66 -7.60
C ILE A 32 3.25 -11.13 -6.26
N TYR A 33 4.15 -10.15 -6.36
CA TYR A 33 4.77 -9.49 -5.18
C TYR A 33 5.42 -10.52 -4.27
N GLY A 34 5.96 -11.59 -4.85
CA GLY A 34 6.63 -12.62 -4.07
C GLY A 34 5.80 -13.19 -2.95
N GLY A 35 4.48 -13.22 -3.13
CA GLY A 35 3.58 -13.77 -2.14
C GLY A 35 2.86 -12.75 -1.30
N LEU A 36 3.13 -11.46 -1.50
CA LEU A 36 2.50 -10.42 -0.70
C LEU A 36 1.29 -9.79 -1.39
N ASP A 37 0.75 -10.48 -2.39
CA ASP A 37 -0.42 -10.00 -3.10
C ASP A 37 -1.60 -9.89 -2.15
N TYR A 38 -2.22 -8.71 -2.15
CA TYR A 38 -3.40 -8.46 -1.33
C TYR A 38 -4.69 -8.90 -2.03
N LEU A 39 -4.66 -9.18 -3.31
CA LEU A 39 -5.93 -9.33 -4.01
C LEU A 39 -6.70 -10.57 -3.59
N PRO A 40 -6.06 -11.71 -3.30
CA PRO A 40 -6.84 -12.85 -2.78
C PRO A 40 -7.72 -12.51 -1.60
N SER A 41 -7.24 -11.67 -0.69
N SER A 41 -7.24 -11.67 -0.69
CA SER A 41 -8.01 -11.33 0.49
CA SER A 41 -8.02 -11.35 0.49
C SER A 41 -8.97 -10.19 0.24
C SER A 41 -8.94 -10.15 0.29
N ARG A 42 -8.71 -9.35 -0.77
CA ARG A 42 -9.49 -8.13 -0.99
C ARG A 42 -10.46 -8.14 -2.17
N TYR A 43 -10.38 -9.13 -3.05
CA TYR A 43 -11.18 -9.12 -4.27
C TYR A 43 -12.65 -8.89 -3.98
N HIS A 44 -13.20 -9.64 -3.03
CA HIS A 44 -14.63 -9.50 -2.79
C HIS A 44 -14.96 -8.14 -2.23
N SER A 45 -14.09 -7.58 -1.40
N SER A 45 -14.08 -7.59 -1.39
CA SER A 45 -14.36 -6.23 -0.91
CA SER A 45 -14.29 -6.24 -0.89
C SER A 45 -14.32 -5.21 -2.03
C SER A 45 -14.33 -5.24 -2.03
N TRP A 46 -13.42 -5.38 -3.00
CA TRP A 46 -13.36 -4.46 -4.13
C TRP A 46 -14.70 -4.39 -4.86
N LEU A 47 -15.38 -5.54 -4.95
CA LEU A 47 -16.63 -5.57 -5.69
C LEU A 47 -17.71 -4.71 -5.06
N ARG A 48 -17.55 -4.31 -3.80
CA ARG A 48 -18.55 -3.52 -3.08
C ARG A 48 -18.27 -2.03 -3.06
N ASP A 49 -17.11 -1.60 -3.54
CA ASP A 49 -16.68 -0.21 -3.41
C ASP A 49 -17.46 0.62 -4.42
N PRO A 50 -18.16 1.67 -4.00
CA PRO A 50 -19.07 2.35 -4.92
C PRO A 50 -18.36 3.15 -6.02
N ASP A 51 -17.10 3.54 -5.84
CA ASP A 51 -16.42 4.38 -6.82
C ASP A 51 -15.36 3.60 -7.58
N ARG A 52 -15.36 2.27 -7.44
CA ARG A 52 -14.36 1.41 -8.03
C ARG A 52 -14.96 0.63 -9.19
N THR A 53 -14.20 0.51 -10.27
CA THR A 53 -14.53 -0.43 -11.33
C THR A 53 -13.34 -1.37 -11.51
N VAL A 54 -13.61 -2.67 -11.42
CA VAL A 54 -12.58 -3.69 -11.58
C VAL A 54 -12.81 -4.28 -12.96
N VAL A 55 -11.84 -4.10 -13.86
CA VAL A 55 -11.95 -4.49 -15.25
C VAL A 55 -11.11 -5.74 -15.50
N LEU A 56 -11.68 -6.71 -16.20
CA LEU A 56 -11.01 -7.93 -16.58
C LEU A 56 -10.85 -7.94 -18.11
N ALA A 57 -9.67 -8.34 -18.59
CA ALA A 57 -9.49 -8.65 -20.00
C ALA A 57 -9.66 -10.14 -20.18
N LYS A 58 -10.40 -10.53 -21.23
CA LYS A 58 -10.67 -11.94 -21.50
C LYS A 58 -10.30 -12.24 -22.93
N ARG A 59 -9.73 -13.42 -23.15
CA ARG A 59 -9.45 -13.89 -24.50
C ARG A 59 -10.02 -15.29 -24.58
N ASN A 60 -10.85 -15.53 -25.58
CA ASN A 60 -11.57 -16.80 -25.73
C ASN A 60 -12.36 -17.16 -24.48
N GLY A 61 -12.92 -16.14 -23.84
CA GLY A 61 -13.79 -16.33 -22.71
C GLY A 61 -13.09 -16.51 -21.39
N GLY A 62 -11.76 -16.53 -21.37
CA GLY A 62 -10.99 -16.75 -20.16
C GLY A 62 -10.24 -15.50 -19.73
N VAL A 63 -10.27 -15.23 -18.42
CA VAL A 63 -9.61 -14.05 -17.87
C VAL A 63 -8.10 -14.15 -18.08
N ILE A 64 -7.50 -13.08 -18.62
CA ILE A 64 -6.06 -13.04 -18.78
C ILE A 64 -5.43 -11.80 -18.14
N ALA A 65 -6.23 -10.83 -17.71
CA ALA A 65 -5.68 -9.66 -17.05
C ALA A 65 -6.74 -8.94 -16.23
N LEU A 66 -6.26 -8.07 -15.34
CA LEU A 66 -7.11 -7.32 -14.43
C LEU A 66 -6.49 -5.96 -14.11
N GLU A 67 -7.35 -4.96 -13.96
CA GLU A 67 -6.96 -3.64 -13.48
C GLU A 67 -8.13 -3.02 -12.75
N SER A 68 -7.86 -2.36 -11.64
CA SER A 68 -8.88 -1.64 -10.89
C SER A 68 -8.65 -0.15 -11.01
N VAL A 69 -9.74 0.60 -11.17
CA VAL A 69 -9.72 2.06 -11.07
C VAL A 69 -10.69 2.48 -9.97
N ASN A 70 -10.26 3.43 -9.14
CA ASN A 70 -11.08 3.90 -8.02
C ASN A 70 -10.99 5.41 -7.91
N VAL A 71 -12.13 6.08 -7.97
CA VAL A 71 -12.14 7.54 -7.94
C VAL A 71 -12.10 8.00 -6.48
N ILE A 72 -11.13 8.86 -6.18
CA ILE A 72 -10.92 9.36 -4.81
C ILE A 72 -10.64 10.85 -4.88
N ASP A 73 -10.25 11.44 -3.75
CA ASP A 73 -9.93 12.87 -3.70
C ASP A 73 -11.11 13.70 -4.21
N ALA A 74 -12.30 13.40 -3.67
CA ALA A 74 -13.51 14.17 -4.00
C ALA A 74 -13.70 14.27 -5.51
N GLY A 75 -13.45 13.18 -6.21
CA GLY A 75 -13.76 13.11 -7.63
C GLY A 75 -12.65 13.53 -8.56
N GLU A 76 -11.52 14.00 -8.04
CA GLU A 76 -10.49 14.58 -8.88
C GLU A 76 -9.42 13.59 -9.30
N THR A 77 -9.34 12.42 -8.63
CA THR A 77 -8.26 11.48 -8.84
C THR A 77 -8.81 10.09 -9.09
N VAL A 78 -8.20 9.38 -10.03
CA VAL A 78 -8.43 7.96 -10.21
C VAL A 78 -7.17 7.24 -9.79
N LEU A 79 -7.32 6.34 -8.82
CA LEU A 79 -6.23 5.48 -8.37
C LEU A 79 -6.28 4.18 -9.16
N VAL A 80 -5.17 3.82 -9.76
CA VAL A 80 -5.05 2.59 -10.55
C VAL A 80 -4.37 1.53 -9.69
N GLU A 81 -5.00 0.36 -9.55
CA GLU A 81 -4.47 -0.69 -8.69
C GLU A 81 -4.56 -2.06 -9.36
N GLY A 82 -3.68 -2.96 -8.89
CA GLY A 82 -3.77 -4.38 -9.17
C GLY A 82 -3.46 -4.81 -10.58
N LEU A 83 -2.86 -3.96 -11.39
CA LEU A 83 -2.59 -4.35 -12.78
C LEU A 83 -1.82 -5.66 -12.83
N ARG A 84 -2.35 -6.61 -13.61
CA ARG A 84 -1.72 -7.92 -13.72
C ARG A 84 -2.19 -8.58 -15.00
N VAL A 85 -1.28 -9.35 -15.60
CA VAL A 85 -1.54 -10.13 -16.80
C VAL A 85 -1.06 -11.55 -16.53
N ALA A 86 -1.87 -12.53 -16.91
CA ALA A 86 -1.49 -13.92 -16.71
C ALA A 86 -0.09 -14.17 -17.23
N PRO A 87 0.71 -14.98 -16.54
CA PRO A 87 2.09 -15.22 -17.02
C PRO A 87 2.16 -15.72 -18.44
N TRP A 88 1.21 -16.53 -18.88
CA TRP A 88 1.21 -17.06 -20.24
C TRP A 88 0.71 -16.05 -21.28
N GLU A 89 0.45 -14.81 -20.88
CA GLU A 89 -0.03 -13.79 -21.81
C GLU A 89 0.83 -12.54 -21.78
N ARG A 90 1.97 -12.57 -21.10
CA ARG A 90 2.77 -11.38 -20.90
C ARG A 90 3.66 -11.11 -22.11
N GLY A 91 4.06 -9.85 -22.25
CA GLY A 91 4.94 -9.45 -23.31
C GLY A 91 4.30 -9.31 -24.66
N LYS A 92 2.96 -9.32 -24.73
CA LYS A 92 2.25 -9.18 -25.98
C LYS A 92 1.54 -7.84 -26.12
N GLY A 93 1.62 -6.98 -25.11
CA GLY A 93 0.90 -5.73 -25.13
C GLY A 93 -0.45 -5.77 -24.46
N VAL A 94 -0.75 -6.82 -23.69
CA VAL A 94 -2.07 -6.93 -23.10
C VAL A 94 -2.28 -5.87 -22.04
N ALA A 95 -1.28 -5.65 -21.18
CA ALA A 95 -1.39 -4.61 -20.17
C ALA A 95 -1.63 -3.26 -20.81
N GLY A 96 -0.97 -2.99 -21.93
CA GLY A 96 -1.18 -1.72 -22.62
C GLY A 96 -2.61 -1.56 -23.13
N LEU A 97 -3.14 -2.60 -23.77
CA LEU A 97 -4.51 -2.54 -24.23
C LEU A 97 -5.47 -2.37 -23.05
N LEU A 98 -5.23 -3.08 -21.96
CA LEU A 98 -6.11 -2.96 -20.79
C LEU A 98 -6.06 -1.55 -20.24
N GLN A 99 -4.85 -0.98 -20.09
CA GLN A 99 -4.73 0.39 -19.63
C GLN A 99 -5.44 1.36 -20.56
N ARG A 100 -5.32 1.14 -21.87
CA ARG A 100 -6.00 2.02 -22.83
C ARG A 100 -7.51 1.91 -22.66
N PHE A 101 -8.03 0.71 -22.38
CA PHE A 101 -9.47 0.57 -22.18
C PHE A 101 -9.89 1.28 -20.90
N CYS A 102 -9.14 1.10 -19.81
CA CYS A 102 -9.51 1.71 -18.55
C CYS A 102 -9.42 3.23 -18.62
N SER A 103 -8.46 3.76 -19.39
CA SER A 103 -8.40 5.20 -19.61
C SER A 103 -9.66 5.70 -20.30
N GLN A 104 -10.12 4.99 -21.34
CA GLN A 104 -11.33 5.40 -22.03
C GLN A 104 -12.53 5.29 -21.10
N LEU A 105 -12.57 4.27 -20.26
CA LEU A 105 -13.67 4.08 -19.33
C LEU A 105 -13.75 5.21 -18.33
N VAL A 106 -12.60 5.60 -17.77
CA VAL A 106 -12.59 6.67 -16.77
C VAL A 106 -13.08 7.97 -17.39
N LYS A 107 -12.60 8.29 -18.59
CA LYS A 107 -13.01 9.55 -19.21
C LYS A 107 -14.49 9.55 -19.55
N ARG A 108 -15.03 8.38 -19.91
CA ARG A 108 -16.46 8.26 -20.19
C ARG A 108 -17.26 8.36 -18.90
N GLN A 109 -16.90 7.57 -17.91
CA GLN A 109 -17.70 7.38 -16.70
C GLN A 109 -17.43 8.44 -15.64
N HIS A 110 -16.26 9.06 -15.66
CA HIS A 110 -15.84 10.00 -14.63
C HIS A 110 -15.20 11.22 -15.28
N PRO A 111 -16.00 11.98 -16.03
CA PRO A 111 -15.41 13.10 -16.79
C PRO A 111 -14.78 14.17 -15.92
N GLY A 112 -15.08 14.20 -14.62
CA GLY A 112 -14.46 15.17 -13.72
C GLY A 112 -13.09 14.79 -13.20
N VAL A 113 -12.71 13.52 -13.30
CA VAL A 113 -11.38 13.12 -12.83
C VAL A 113 -10.33 13.86 -13.62
N LYS A 114 -9.33 14.42 -12.92
CA LYS A 114 -8.30 15.23 -13.56
C LYS A 114 -6.96 14.53 -13.65
N VAL A 115 -6.60 13.68 -12.68
CA VAL A 115 -5.32 13.00 -12.66
C VAL A 115 -5.53 11.52 -12.34
N ALA A 116 -4.55 10.73 -12.74
CA ALA A 116 -4.41 9.35 -12.31
C ALA A 116 -3.24 9.28 -11.33
N ARG A 117 -3.35 8.38 -10.35
CA ARG A 117 -2.28 8.18 -9.38
C ARG A 117 -2.07 6.68 -9.26
N LEU A 118 -0.88 6.30 -8.82
CA LEU A 118 -0.53 4.91 -8.63
C LEU A 118 0.73 4.87 -7.79
N THR A 119 0.93 3.75 -7.10
CA THR A 119 2.16 3.48 -6.37
C THR A 119 2.89 2.30 -7.02
N ARG A 120 4.20 2.25 -6.85
CA ARG A 120 5.10 1.52 -7.73
C ARG A 120 6.42 1.40 -6.98
N ASP A 121 7.04 0.24 -7.06
CA ASP A 121 8.32 0.03 -6.39
C ASP A 121 9.46 -0.33 -7.33
N ASP A 122 9.22 -0.42 -8.62
CA ASP A 122 10.28 -0.66 -9.59
C ASP A 122 10.93 0.66 -9.98
N GLN A 123 12.21 0.58 -10.35
CA GLN A 123 12.97 1.78 -10.68
C GLN A 123 12.30 2.54 -11.83
N LEU A 124 12.30 3.87 -11.72
CA LEU A 124 11.68 4.73 -12.72
C LEU A 124 12.70 5.01 -13.82
N GLY A 125 12.42 4.54 -15.03
CA GLY A 125 13.28 4.77 -16.16
C GLY A 125 12.96 6.07 -16.86
N PRO A 126 13.62 6.35 -17.98
CA PRO A 126 13.33 7.58 -18.72
C PRO A 126 11.86 7.69 -19.11
N ARG A 127 11.35 6.68 -19.82
CA ARG A 127 9.95 6.71 -20.25
C ARG A 127 9.03 6.98 -19.07
N GLU A 128 9.28 6.31 -17.94
CA GLU A 128 8.40 6.47 -16.79
C GLU A 128 8.52 7.87 -16.22
N LEU A 129 9.76 8.37 -16.07
CA LEU A 129 9.96 9.70 -15.50
C LEU A 129 9.45 10.80 -16.42
N LYS A 130 9.28 10.50 -17.71
CA LYS A 130 8.72 11.48 -18.64
C LYS A 130 7.21 11.56 -18.52
N LYS A 131 6.54 10.45 -18.24
CA LYS A 131 5.08 10.38 -18.28
C LYS A 131 4.42 10.77 -16.97
N TYR A 132 5.14 10.77 -15.86
CA TYR A 132 4.53 10.96 -14.56
C TYR A 132 5.24 12.10 -13.81
N ARG A 133 4.52 12.66 -12.84
CA ARG A 133 5.10 13.50 -11.82
C ARG A 133 5.30 12.67 -10.56
N LEU A 134 6.47 12.78 -9.94
CA LEU A 134 6.75 12.08 -8.69
C LEU A 134 6.22 12.95 -7.56
N ILE A 135 5.17 12.49 -6.89
CA ILE A 135 4.61 13.24 -5.78
C ILE A 135 5.50 13.10 -4.56
N THR A 136 5.83 11.87 -4.19
CA THR A 136 6.73 11.61 -3.08
C THR A 136 7.22 10.18 -3.18
N LYS A 137 8.15 9.83 -2.28
CA LYS A 137 8.68 8.48 -2.22
C LYS A 137 9.04 8.15 -0.79
N GLN A 138 8.77 6.92 -0.40
CA GLN A 138 9.13 6.40 0.91
C GLN A 138 10.07 5.21 0.75
N GLY A 139 10.94 5.01 1.73
CA GLY A 139 11.70 3.78 1.80
C GLY A 139 10.84 2.62 2.26
N ILE A 140 11.20 1.41 1.83
CA ILE A 140 10.47 0.20 2.15
C ILE A 140 11.37 -0.74 2.95
N LEU A 141 10.94 -1.11 4.16
CA LEU A 141 11.64 -2.10 4.99
C LEU A 141 10.70 -3.29 5.14
N LEU A 142 11.16 -4.46 4.71
CA LEU A 142 10.37 -5.68 4.77
C LEU A 142 11.10 -6.70 5.64
N VAL A 143 10.46 -7.05 6.76
CA VAL A 143 10.97 -8.05 7.69
C VAL A 143 9.90 -9.10 7.92
N ARG A 144 10.34 -10.26 8.42
CA ARG A 144 9.41 -11.35 8.68
C ARG A 144 9.77 -12.01 9.99
N PHE A 145 8.79 -12.68 10.59
CA PHE A 145 8.96 -13.32 11.88
C PHE A 145 7.78 -14.23 12.15
N ASN A 146 8.02 -15.20 13.01
CA ASN A 146 6.96 -16.02 13.60
C ASN A 146 6.40 -15.28 14.80
N ALA A 147 5.09 -15.03 14.83
CA ALA A 147 4.56 -14.19 15.90
C ALA A 147 4.80 -14.78 17.28
N SER A 148 4.64 -16.11 17.45
CA SER A 148 4.86 -16.70 18.77
C SER A 148 6.32 -16.60 19.18
N ALA A 149 7.25 -16.67 18.22
CA ALA A 149 8.65 -16.51 18.58
C ALA A 149 8.92 -15.09 19.07
N LEU A 150 8.40 -14.09 18.37
CA LEU A 150 8.53 -12.71 18.81
C LEU A 150 7.94 -12.51 20.20
N LEU A 151 6.73 -13.00 20.42
CA LEU A 151 6.07 -12.81 21.71
C LEU A 151 6.88 -13.43 22.84
N ALA A 152 7.49 -14.59 22.60
CA ALA A 152 8.20 -15.24 23.69
C ALA A 152 9.47 -14.51 24.07
N GLY A 153 10.19 -13.95 23.10
CA GLY A 153 11.47 -13.35 23.43
C GLY A 153 11.53 -11.84 23.49
N LEU A 154 10.43 -11.15 23.13
CA LEU A 154 10.49 -9.69 22.99
C LEU A 154 10.81 -9.02 24.33
N GLY A 155 10.15 -9.45 25.40
CA GLY A 155 10.38 -8.80 26.68
C GLY A 155 11.84 -8.87 27.10
N ALA A 156 12.46 -10.03 26.93
CA ALA A 156 13.83 -10.17 27.32
C ALA A 156 14.75 -9.36 26.44
N ARG A 157 14.44 -9.27 25.15
CA ARG A 157 15.23 -8.43 24.26
C ARG A 157 15.12 -6.98 24.67
N LEU A 158 13.92 -6.52 25.00
CA LEU A 158 13.77 -5.13 25.46
C LEU A 158 14.53 -4.89 26.75
N ALA A 159 14.52 -5.85 27.66
CA ALA A 159 15.21 -5.67 28.91
C ALA A 159 16.71 -5.55 28.66
N ALA A 160 17.23 -6.36 27.73
CA ALA A 160 18.66 -6.32 27.42
C ALA A 160 19.03 -4.99 26.82
N LEU A 161 18.21 -4.49 25.90
CA LEU A 161 18.47 -3.20 25.27
C LEU A 161 18.38 -2.07 26.28
N ARG A 162 17.43 -2.15 27.22
CA ARG A 162 17.31 -1.09 28.25
C ARG A 162 18.49 -1.14 29.19
N THR A 163 18.82 -2.32 29.71
CA THR A 163 19.92 -2.47 30.67
C THR A 163 21.25 -2.01 30.09
N SER A 164 21.48 -2.27 28.81
CA SER A 164 22.71 -1.86 28.16
C SER A 164 22.72 -0.39 27.77
N GLY A 165 21.59 0.32 27.90
CA GLY A 165 21.44 1.71 27.50
C GLY A 165 21.33 1.89 26.02
N THR A 166 21.16 0.79 25.29
CA THR A 166 21.12 0.88 23.84
C THR A 166 19.79 1.46 23.37
N PHE A 167 18.67 1.00 23.94
CA PHE A 167 17.35 1.47 23.50
C PHE A 167 16.35 1.37 24.63
N SER A 168 15.62 2.47 24.85
CA SER A 168 14.47 2.45 25.74
C SER A 168 13.36 3.14 24.95
N PRO A 169 12.16 2.60 24.89
CA PRO A 169 11.12 3.20 24.06
C PRO A 169 10.74 4.56 24.61
N LEU A 170 10.68 5.56 23.72
CA LEU A 170 10.27 6.88 24.07
C LEU A 170 8.75 6.91 24.22
N PRO A 171 8.25 7.86 25.00
CA PRO A 171 6.81 7.99 25.17
C PRO A 171 6.15 8.30 23.84
N THR A 172 4.96 7.75 23.66
CA THR A 172 4.13 7.98 22.49
C THR A 172 2.74 8.33 23.00
N GLU A 173 1.87 8.83 22.12
CA GLU A 173 0.56 9.33 22.51
C GLU A 173 -0.55 8.66 21.72
N ALA A 174 -1.67 8.49 22.40
CA ALA A 174 -2.85 7.86 21.80
C ALA A 174 -3.48 8.75 20.75
N VAL A 175 -3.99 8.10 19.70
CA VAL A 175 -4.73 8.75 18.63
C VAL A 175 -6.02 7.97 18.45
N SER A 176 -7.14 8.60 18.75
CA SER A 176 -8.46 8.04 18.53
C SER A 176 -9.12 8.67 17.31
N GLU A 177 -9.38 7.86 16.30
CA GLU A 177 -10.09 8.34 15.11
C GLU A 177 -11.50 8.76 15.47
N ALA A 178 -12.22 7.91 16.22
CA ALA A 178 -13.58 8.28 16.63
C ALA A 178 -13.62 9.57 17.45
N GLY A 179 -12.58 9.83 18.25
CA GLY A 179 -12.58 11.03 19.06
C GLY A 179 -12.07 12.26 18.38
N GLY A 180 -11.80 12.18 17.08
CA GLY A 180 -11.44 13.35 16.31
C GLY A 180 -9.94 13.60 16.19
N ASP A 181 -9.10 12.73 16.75
CA ASP A 181 -7.68 13.00 16.79
C ASP A 181 -7.06 12.91 15.40
N VAL A 182 -7.53 11.94 14.57
CA VAL A 182 -7.00 11.79 13.24
C VAL A 182 -7.29 13.03 12.40
N ALA A 183 -8.52 13.55 12.48
CA ALA A 183 -8.85 14.75 11.73
C ALA A 183 -7.97 15.91 12.16
N ARG A 184 -7.78 16.08 13.47
CA ARG A 184 -6.95 17.18 13.95
C ARG A 184 -5.53 17.10 13.43
N LEU A 185 -5.00 15.88 13.26
CA LEU A 185 -3.66 15.71 12.70
C LEU A 185 -3.66 15.92 11.18
N LEU A 186 -4.52 15.19 10.45
CA LEU A 186 -4.35 15.17 9.01
C LEU A 186 -4.87 16.43 8.31
N LEU A 187 -5.76 17.20 8.95
CA LEU A 187 -6.25 18.45 8.39
C LEU A 187 -5.43 19.65 8.88
N SER A 188 -4.34 19.41 9.60
CA SER A 188 -3.48 20.51 10.05
C SER A 188 -2.53 20.89 8.92
N PRO A 189 -2.50 22.14 8.49
CA PRO A 189 -1.57 22.52 7.41
C PRO A 189 -0.10 22.27 7.75
N SER A 190 0.29 22.46 9.02
CA SER A 190 1.67 22.23 9.39
C SER A 190 2.01 20.74 9.35
N VAL A 191 1.08 19.88 9.81
CA VAL A 191 1.30 18.43 9.66
C VAL A 191 1.43 18.08 8.19
N GLN A 192 0.56 18.62 7.34
CA GLN A 192 0.61 18.33 5.92
C GLN A 192 1.94 18.77 5.29
N ARG A 193 2.45 19.94 5.69
N ARG A 193 2.47 19.93 5.69
CA ARG A 193 3.68 20.45 5.11
CA ARG A 193 3.68 20.42 5.06
C ARG A 193 4.89 19.69 5.64
C ARG A 193 4.95 19.83 5.66
N ASP A 194 4.95 19.52 6.96
CA ASP A 194 6.17 19.08 7.63
C ASP A 194 6.27 17.61 8.00
N VAL A 195 5.16 16.88 8.08
CA VAL A 195 5.16 15.48 8.49
C VAL A 195 4.80 14.54 7.35
N LEU A 196 3.70 14.82 6.64
CA LEU A 196 3.26 13.88 5.61
C LEU A 196 4.21 13.91 4.43
N PRO A 197 4.48 12.78 3.79
CA PRO A 197 5.38 12.81 2.62
C PRO A 197 4.67 13.41 1.43
N GLY A 198 5.26 14.45 0.86
CA GLY A 198 4.61 15.15 -0.25
C GLY A 198 3.21 15.60 0.08
N GLY A 199 2.94 15.91 1.34
CA GLY A 199 1.64 16.35 1.79
C GLY A 199 0.56 15.30 1.63
N THR A 200 0.94 14.03 1.51
CA THR A 200 0.02 12.95 1.15
C THR A 200 -0.03 11.89 2.24
N ILE A 201 -1.21 11.35 2.49
CA ILE A 201 -1.36 10.13 3.27
C ILE A 201 -1.17 8.94 2.34
N ILE A 202 -0.29 8.02 2.70
CA ILE A 202 -0.18 6.73 2.01
C ILE A 202 -0.55 5.69 3.04
N GLN A 203 -1.54 4.86 2.72
CA GLN A 203 -2.02 3.81 3.61
C GLN A 203 -2.04 2.53 2.81
N ASP A 204 -1.14 1.60 3.13
CA ASP A 204 -1.13 0.29 2.47
C ASP A 204 -1.13 0.50 0.96
N TRP A 205 -0.16 1.31 0.50
CA TRP A 205 0.10 1.63 -0.89
C TRP A 205 -0.94 2.55 -1.51
N GLN A 206 -1.97 2.95 -0.77
CA GLN A 206 -3.08 3.72 -1.32
C GLN A 206 -2.94 5.18 -0.92
N PRO A 207 -2.75 6.09 -1.88
CA PRO A 207 -2.55 7.50 -1.56
C PRO A 207 -3.87 8.27 -1.44
N TYR A 208 -3.91 9.14 -0.44
CA TYR A 208 -5.06 10.01 -0.24
C TYR A 208 -4.60 11.44 0.01
N ARG A 209 -5.23 12.39 -0.66
CA ARG A 209 -5.08 13.80 -0.27
C ARG A 209 -5.70 14.01 1.11
N PRO A 210 -5.09 14.85 1.96
CA PRO A 210 -5.65 15.01 3.32
C PRO A 210 -6.90 15.88 3.35
N SER A 211 -8.08 15.27 3.24
CA SER A 211 -9.34 16.00 3.15
C SER A 211 -10.40 15.29 3.94
N GLU A 212 -11.48 16.01 4.28
CA GLU A 212 -12.56 15.35 5.03
C GLU A 212 -13.13 14.16 4.27
N SER A 213 -13.35 14.32 2.95
N SER A 213 -13.34 14.32 2.95
CA SER A 213 -13.92 13.23 2.16
CA SER A 213 -13.93 13.23 2.17
C SER A 213 -13.03 11.99 2.20
C SER A 213 -13.04 11.99 2.22
N ASN A 214 -11.72 12.17 2.13
CA ASN A 214 -10.85 11.00 2.19
C ASN A 214 -10.73 10.44 3.60
N LEU A 215 -10.83 11.29 4.63
CA LEU A 215 -10.80 10.79 5.99
C LEU A 215 -11.98 9.87 6.28
N ARG A 216 -13.14 10.09 5.65
CA ARG A 216 -14.26 9.18 5.81
C ARG A 216 -13.91 7.80 5.25
N LEU A 217 -13.16 7.77 4.15
CA LEU A 217 -12.76 6.49 3.59
C LEU A 217 -11.79 5.78 4.52
N LEU A 218 -10.84 6.52 5.08
CA LEU A 218 -9.89 5.90 5.99
C LEU A 218 -10.58 5.37 7.26
N ALA A 219 -11.57 6.10 7.77
CA ALA A 219 -12.20 5.76 9.04
C ALA A 219 -12.98 4.44 8.97
N ALA A 220 -13.35 4.00 7.78
CA ALA A 220 -14.10 2.76 7.66
C ALA A 220 -13.20 1.54 7.61
N LYS A 221 -11.89 1.72 7.63
CA LYS A 221 -10.95 0.62 7.44
C LYS A 221 -10.40 0.03 8.73
N GLY A 222 -10.69 0.60 9.89
CA GLY A 222 -10.23 -0.06 11.12
C GLY A 222 -8.74 0.09 11.38
N LEU A 223 -8.18 1.19 10.91
CA LEU A 223 -6.77 1.47 11.10
C LEU A 223 -6.48 1.74 12.57
N GLU A 224 -5.20 1.60 12.94
CA GLU A 224 -4.71 2.04 14.23
C GLU A 224 -3.61 3.07 14.02
N TRP A 225 -3.65 4.14 14.80
CA TRP A 225 -2.71 5.24 14.66
C TRP A 225 -1.94 5.44 15.95
N ARG A 226 -0.77 6.07 15.83
CA ARG A 226 0.04 6.51 16.97
C ARG A 226 0.82 7.73 16.54
N VAL A 227 1.16 8.59 17.52
CA VAL A 227 1.86 9.83 17.24
C VAL A 227 2.83 10.10 18.39
N ASP A 228 3.85 10.90 18.11
CA ASP A 228 4.77 11.23 19.18
C ASP A 228 4.15 12.25 20.15
N SER A 229 3.43 13.25 19.62
CA SER A 229 2.80 14.28 20.42
C SER A 229 1.63 14.83 19.63
N ARG A 230 0.43 14.79 20.21
CA ARG A 230 -0.71 15.42 19.55
C ARG A 230 -0.52 16.92 19.51
N ALA A 231 0.15 17.49 20.52
CA ALA A 231 0.27 18.93 20.59
C ALA A 231 1.26 19.47 19.58
N ARG A 232 2.34 18.71 19.30
CA ARG A 232 3.44 19.15 18.45
C ARG A 232 3.85 17.93 17.64
N PRO A 233 3.01 17.54 16.68
CA PRO A 233 3.26 16.27 15.97
C PRO A 233 4.48 16.33 15.05
N ARG A 234 5.31 15.30 15.12
CA ARG A 234 6.46 15.19 14.23
C ARG A 234 6.57 13.82 13.56
N VAL A 235 6.06 12.78 14.21
CA VAL A 235 6.07 11.43 13.65
C VAL A 235 4.71 10.80 13.91
N LEU A 236 4.04 10.39 12.84
CA LEU A 236 2.71 9.78 12.86
C LEU A 236 2.82 8.44 12.15
N THR A 237 2.31 7.39 12.79
CA THR A 237 2.33 6.07 12.19
C THR A 237 0.91 5.51 12.07
N LEU A 238 0.72 4.66 11.04
CA LEU A 238 -0.58 4.13 10.63
C LEU A 238 -0.40 2.65 10.38
N CYS A 239 -1.14 1.83 11.12
CA CYS A 239 -1.11 0.38 10.99
C CYS A 239 -2.39 -0.11 10.33
N THR A 240 -2.24 -0.77 9.20
CA THR A 240 -3.37 -1.43 8.53
C THR A 240 -3.56 -2.82 9.14
N ARG A 241 -4.78 -3.16 9.45
CA ARG A 241 -5.06 -4.45 10.09
C ARG A 241 -4.47 -5.58 9.25
N PRO A 242 -3.79 -6.56 9.87
CA PRO A 242 -3.18 -7.62 9.07
C PRO A 242 -4.19 -8.45 8.31
N PHE A 243 -3.77 -8.97 7.17
CA PHE A 243 -4.64 -9.81 6.35
C PHE A 243 -3.88 -10.95 5.71
N PRO A 244 -4.57 -12.01 5.35
CA PRO A 244 -3.90 -13.17 4.74
C PRO A 244 -3.27 -12.84 3.39
N ILE A 245 -2.12 -13.47 3.15
CA ILE A 245 -1.43 -13.37 1.87
C ILE A 245 -0.99 -14.78 1.47
N PRO A 246 -0.78 -14.98 0.16
CA PRO A 246 -0.55 -16.34 -0.34
C PRO A 246 0.85 -16.85 -0.07
N HIS A 247 1.78 -15.99 0.34
CA HIS A 247 3.16 -16.43 0.62
C HIS A 247 3.18 -17.73 1.41
N GLY A 248 4.08 -18.63 1.02
CA GLY A 248 4.26 -19.90 1.71
C GLY A 248 3.34 -21.00 1.24
N GLY A 249 2.21 -20.64 0.64
CA GLY A 249 1.28 -21.59 0.06
C GLY A 249 0.45 -22.37 1.07
N ASP A 250 0.56 -22.05 2.35
CA ASP A 250 0.02 -22.87 3.42
C ASP A 250 -0.99 -22.16 4.32
N GLY A 251 -1.32 -20.92 4.03
CA GLY A 251 -2.33 -20.23 4.79
C GLY A 251 -1.87 -19.67 6.11
N THR A 252 -0.58 -19.77 6.42
CA THR A 252 -0.10 -19.35 7.73
C THR A 252 0.42 -17.93 7.76
N TRP A 253 0.43 -17.22 6.64
CA TRP A 253 1.08 -15.93 6.56
C TRP A 253 0.07 -14.79 6.57
N ARG A 254 0.46 -13.72 7.23
CA ARG A 254 -0.28 -12.47 7.28
C ARG A 254 0.62 -11.31 6.90
N TYR A 255 0.02 -10.25 6.36
CA TYR A 255 0.74 -9.07 5.94
C TYR A 255 0.35 -7.93 6.87
N LEU A 256 1.34 -7.32 7.50
CA LEU A 256 1.18 -6.20 8.45
C LEU A 256 1.88 -5.00 7.86
N ASN A 257 1.10 -4.04 7.39
CA ASN A 257 1.58 -2.82 6.75
C ASN A 257 1.59 -1.67 7.74
N ILE A 258 2.73 -1.02 7.91
CA ILE A 258 2.83 0.17 8.75
C ILE A 258 3.43 1.31 7.94
N ASP A 259 2.71 2.43 7.86
CA ASP A 259 3.19 3.63 7.20
C ASP A 259 3.61 4.62 8.27
N ALA A 260 4.84 5.12 8.14
CA ALA A 260 5.42 6.04 9.11
C ALA A 260 5.73 7.36 8.42
N PHE A 261 5.23 8.47 9.00
CA PHE A 261 5.37 9.80 8.43
C PHE A 261 6.19 10.64 9.41
N GLY A 262 7.29 11.20 8.96
CA GLY A 262 8.11 12.05 9.81
C GLY A 262 9.55 11.60 9.85
N SER A 263 10.39 12.45 10.45
N SER A 263 10.39 12.46 10.43
CA SER A 263 11.83 12.36 10.29
CA SER A 263 11.84 12.33 10.28
C SER A 263 12.58 11.93 11.54
C SER A 263 12.59 11.92 11.54
N ASP A 264 11.90 11.69 12.67
CA ASP A 264 12.56 11.33 13.94
C ASP A 264 12.65 9.81 14.03
N GLY A 265 13.84 9.29 13.81
CA GLY A 265 13.99 7.84 13.78
C GLY A 265 13.70 7.16 15.12
N ALA A 266 14.08 7.80 16.22
CA ALA A 266 13.79 7.22 17.52
C ALA A 266 12.30 7.05 17.73
N GLN A 267 11.49 8.01 17.23
CA GLN A 267 10.05 7.88 17.38
C GLN A 267 9.49 6.81 16.46
N VAL A 268 10.05 6.68 15.25
CA VAL A 268 9.62 5.60 14.38
C VAL A 268 9.90 4.26 15.04
N GLN A 269 11.08 4.13 15.68
CA GLN A 269 11.40 2.90 16.39
C GLN A 269 10.39 2.64 17.48
N SER A 270 10.09 3.62 18.30
N SER A 270 10.11 3.62 18.32
CA SER A 270 9.20 3.41 19.43
CA SER A 270 9.20 3.41 19.43
C SER A 270 7.78 3.15 18.97
C SER A 270 7.80 3.10 18.93
N GLN A 271 7.35 3.81 17.90
CA GLN A 271 6.00 3.60 17.40
C GLN A 271 5.88 2.26 16.70
N LEU A 272 6.89 1.85 15.93
CA LEU A 272 6.89 0.52 15.36
C LEU A 272 6.70 -0.51 16.47
N LEU A 273 7.52 -0.39 17.53
CA LEU A 273 7.42 -1.34 18.64
C LEU A 273 6.00 -1.35 19.22
N TRP A 274 5.39 -0.15 19.39
CA TRP A 274 4.04 -0.09 19.92
C TRP A 274 3.05 -0.85 19.05
N HIS A 275 3.13 -0.67 17.74
CA HIS A 275 2.23 -1.38 16.83
C HIS A 275 2.47 -2.89 16.89
N LEU A 276 3.75 -3.31 16.93
CA LEU A 276 4.03 -4.74 17.00
C LEU A 276 3.45 -5.33 18.28
N GLN A 277 3.58 -4.61 19.39
CA GLN A 277 3.01 -5.09 20.64
C GLN A 277 1.49 -5.16 20.58
N ARG A 278 0.86 -4.22 19.85
CA ARG A 278 -0.59 -4.23 19.72
C ARG A 278 -1.07 -5.38 18.85
N GLN A 279 -0.34 -5.67 17.78
CA GLN A 279 -0.79 -6.61 16.76
C GLN A 279 -0.37 -8.04 16.98
N ALA A 280 0.78 -8.26 17.57
CA ALA A 280 1.31 -9.62 17.61
C ALA A 280 0.44 -10.60 18.38
N PRO A 281 -0.18 -10.26 19.51
CA PRO A 281 -1.02 -11.26 20.20
C PRO A 281 -2.08 -11.88 19.31
N ARG A 282 -2.82 -11.10 18.51
CA ARG A 282 -3.82 -11.69 17.63
C ARG A 282 -3.20 -12.55 16.54
N LEU A 283 -1.87 -12.51 16.38
CA LEU A 283 -1.21 -13.24 15.31
C LEU A 283 -0.48 -14.47 15.83
N VAL A 284 -0.78 -14.90 17.06
CA VAL A 284 -0.18 -16.09 17.63
C VAL A 284 -0.45 -17.28 16.73
N GLY A 285 0.57 -18.07 16.47
CA GLY A 285 0.44 -19.22 15.62
C GLY A 285 0.58 -18.94 14.14
N LEU A 286 0.77 -17.69 13.75
CA LEU A 286 0.93 -17.28 12.37
C LEU A 286 2.31 -16.70 12.13
N ASN A 287 2.65 -16.61 10.85
CA ASN A 287 3.85 -15.96 10.36
C ASN A 287 3.48 -14.60 9.76
N VAL A 288 4.39 -13.64 9.88
CA VAL A 288 4.13 -12.24 9.59
C VAL A 288 5.16 -11.67 8.63
N MET A 289 4.69 -11.11 7.52
CA MET A 289 5.46 -10.20 6.67
C MET A 289 5.08 -8.81 7.16
N CYS A 290 6.04 -8.10 7.74
CA CYS A 290 5.82 -6.75 8.25
C CYS A 290 6.54 -5.78 7.35
N GLN A 291 5.81 -4.90 6.70
CA GLN A 291 6.40 -3.94 5.77
C GLN A 291 6.16 -2.53 6.30
N LEU A 292 7.27 -1.83 6.55
CA LEU A 292 7.28 -0.50 7.13
C LEU A 292 7.74 0.47 6.06
N PHE A 293 6.95 1.53 5.85
CA PHE A 293 7.27 2.56 4.88
C PHE A 293 7.66 3.80 5.67
N LEU A 294 8.82 4.36 5.34
CA LEU A 294 9.36 5.44 6.16
C LEU A 294 10.29 6.33 5.35
N GLU A 295 10.64 7.49 5.92
CA GLU A 295 11.52 8.39 5.18
C GLU A 295 12.83 7.67 4.89
N PRO A 296 13.38 7.83 3.68
CA PRO A 296 14.54 7.01 3.30
C PRO A 296 15.71 7.03 4.27
N GLN A 297 16.04 8.21 4.81
CA GLN A 297 17.23 8.33 5.65
C GLN A 297 17.11 7.59 6.96
N LEU A 298 15.93 7.04 7.28
CA LEU A 298 15.71 6.28 8.49
C LEU A 298 15.78 4.78 8.28
N TRP A 299 15.94 4.32 7.03
CA TRP A 299 15.84 2.90 6.73
C TRP A 299 16.89 2.09 7.48
N SER A 300 18.15 2.52 7.40
CA SER A 300 19.23 1.74 7.99
C SER A 300 19.05 1.62 9.49
N GLN A 301 18.68 2.72 10.15
CA GLN A 301 18.42 2.71 11.57
C GLN A 301 17.30 1.75 11.93
N LEU A 302 16.24 1.72 11.13
CA LEU A 302 15.13 0.85 11.45
C LEU A 302 15.42 -0.60 11.09
N ALA A 303 16.19 -0.81 10.02
CA ALA A 303 16.58 -2.17 9.67
C ALA A 303 17.43 -2.78 10.77
N ASP A 304 18.39 -2.02 11.32
CA ASP A 304 19.22 -2.53 12.42
C ASP A 304 18.38 -2.79 13.65
N PHE A 305 17.46 -1.88 13.97
CA PHE A 305 16.60 -2.07 15.14
C PHE A 305 15.79 -3.35 15.02
N CYS A 306 15.20 -3.56 13.85
CA CYS A 306 14.38 -4.75 13.62
C CYS A 306 15.21 -6.03 13.71
N GLN A 307 16.34 -6.07 13.01
CA GLN A 307 17.15 -7.27 12.95
C GLN A 307 17.84 -7.54 14.28
N VAL A 308 18.69 -6.61 14.70
CA VAL A 308 19.55 -6.83 15.86
C VAL A 308 18.78 -6.66 17.15
N GLY A 309 17.98 -5.58 17.23
CA GLY A 309 17.28 -5.30 18.47
C GLY A 309 16.14 -6.29 18.70
N LEU A 310 15.25 -6.43 17.71
CA LEU A 310 14.03 -7.19 17.89
C LEU A 310 14.10 -8.63 17.40
N GLY A 311 15.16 -9.02 16.69
CA GLY A 311 15.30 -10.41 16.25
C GLY A 311 14.39 -10.79 15.09
N LEU A 312 14.01 -9.82 14.25
CA LEU A 312 13.23 -10.08 13.05
C LEU A 312 14.17 -10.29 11.87
N GLU A 313 13.69 -10.99 10.86
CA GLU A 313 14.52 -11.30 9.71
C GLU A 313 14.28 -10.28 8.60
N LEU A 314 15.37 -9.71 8.08
CA LEU A 314 15.31 -8.82 6.94
C LEU A 314 15.11 -9.64 5.66
N VAL A 315 13.99 -9.40 4.98
CA VAL A 315 13.67 -10.20 3.80
C VAL A 315 14.50 -9.77 2.60
N LYS A 316 14.72 -8.47 2.44
CA LYS A 316 15.42 -8.00 1.25
C LYS A 316 16.03 -6.65 1.57
N GLY A 317 16.85 -6.16 0.64
CA GLY A 317 17.52 -4.90 0.79
C GLY A 317 16.61 -3.72 0.52
N TYR A 318 17.22 -2.55 0.45
CA TYR A 318 16.48 -1.31 0.34
C TYR A 318 15.76 -1.20 -1.00
N THR A 319 14.47 -0.83 -0.96
CA THR A 319 13.70 -0.44 -2.13
C THR A 319 12.85 0.76 -1.76
N GLU A 320 12.20 1.36 -2.76
CA GLU A 320 11.43 2.57 -2.55
C GLU A 320 10.03 2.45 -3.12
N GLN A 321 9.09 3.13 -2.45
CA GLN A 321 7.71 3.25 -2.88
C GLN A 321 7.53 4.62 -3.49
N TYR A 322 7.23 4.65 -4.79
CA TYR A 322 7.04 5.88 -5.53
C TYR A 322 5.56 6.15 -5.71
N LEU A 323 5.15 7.38 -5.43
CA LEU A 323 3.78 7.82 -5.71
C LEU A 323 3.84 8.67 -6.96
N LEU A 324 3.14 8.24 -8.01
CA LEU A 324 3.22 8.85 -9.32
C LEU A 324 1.86 9.40 -9.72
N GLU A 325 1.89 10.46 -10.52
CA GLU A 325 0.67 11.14 -10.96
C GLU A 325 0.82 11.54 -12.41
N ALA A 326 -0.28 11.40 -13.16
CA ALA A 326 -0.31 11.81 -14.56
C ALA A 326 -1.63 12.51 -14.85
N ASP A 327 -1.58 13.50 -15.74
CA ASP A 327 -2.79 14.17 -16.16
C ASP A 327 -3.59 13.24 -17.08
N ILE A 328 -4.91 13.29 -16.96
CA ILE A 328 -5.76 12.34 -17.67
C ILE A 328 -5.81 12.68 -19.17
N HIS A 329 -6.02 13.96 -19.49
CA HIS A 329 -6.23 14.36 -20.87
C HIS A 329 -4.98 14.88 -21.55
N HIS A 330 -3.89 15.10 -20.81
CA HIS A 330 -2.64 15.57 -21.40
C HIS A 330 -2.86 16.84 -22.21
N1A COA B . 1.49 -0.13 -21.24
C2A COA B . 2.14 -1.31 -21.06
N3A COA B . 3.49 -1.35 -21.16
C4A COA B . 4.18 -0.24 -21.44
C5A COA B . 3.55 0.92 -21.61
C6A COA B . 2.17 0.97 -21.51
N6A COA B . 1.23 2.08 -21.64
N7A COA B . 4.47 1.87 -21.88
C8A COA B . 5.68 1.29 -21.86
N9A COA B . 5.51 -0.01 -21.60
C1B COA B . 6.53 -0.99 -21.49
C2B COA B . 6.77 -1.29 -20.00
O2B COA B . 8.08 -0.76 -19.59
C3B COA B . 6.77 -2.84 -19.94
O3B COA B . 7.90 -3.25 -19.39
P3B COA B . 8.09 -4.81 -18.88
O7A COA B . 8.45 -5.68 -20.06
O8A COA B . 6.81 -5.32 -18.26
O9A COA B . 9.19 -4.86 -17.85
C4B COA B . 6.68 -3.23 -21.48
O4B COA B . 6.14 -2.20 -22.10
C5B COA B . 5.79 -4.47 -21.66
O5B COA B . 4.44 -4.07 -21.91
P1A COA B . 3.22 -5.22 -21.84
O1A COA B . 3.56 -6.41 -22.69
O2A COA B . 1.92 -4.61 -22.32
O3A COA B . 3.05 -5.67 -20.26
P2A COA B . 2.47 -7.14 -19.78
O4A COA B . 1.29 -7.55 -20.64
O5A COA B . 3.59 -8.15 -19.83
O6A COA B . 1.99 -6.90 -18.21
CBP COA B . 2.62 -6.57 -15.91
CCP COA B . 2.89 -6.22 -17.38
CDP COA B . 3.45 -5.66 -15.00
CEP COA B . 1.14 -6.35 -15.60
CAP COA B . 3.00 -8.04 -15.74
OAP COA B . 4.38 -8.24 -15.75
C9P COA B . 2.45 -8.59 -14.43
O9P COA B . 1.35 -9.02 -14.42
N8P COA B . 3.30 -8.53 -13.21
C7P COA B . 2.84 -9.06 -11.91
C6P COA B . 1.96 -8.05 -11.15
C5P COA B . 2.71 -6.73 -11.09
O5P COA B . 3.83 -6.71 -10.68
N4P COA B . 2.02 -5.53 -11.58
C3P COA B . 2.64 -4.21 -11.61
C2P COA B . 2.37 -3.52 -10.26
S1P COA B . 2.70 -1.71 -10.37
H2A COA B . 1.57 -2.20 -20.84
H61A COA B . 0.25 1.89 -21.73
H62A COA B . 1.56 3.03 -21.65
H8A COA B . 6.62 1.78 -22.03
H1B COA B . 7.46 -0.67 -21.96
H2B COA B . 5.99 -0.87 -19.38
HO2A COA B . 7.98 0.15 -19.32
H3B COA B . 5.94 -3.26 -19.39
H4B COA B . 7.68 -3.39 -21.85
H51A COA B . 5.83 -5.07 -20.76
H52A COA B . 6.15 -5.04 -22.50
H121 COA B . 2.77 -5.16 -17.53
H122 COA B . 3.91 -6.50 -17.64
H131 COA B . 4.49 -5.72 -15.28
H132 COA B . 3.33 -5.97 -13.97
H133 COA B . 3.10 -4.63 -15.10
H141 COA B . 0.97 -6.52 -14.53
H142 COA B . 0.54 -7.05 -16.18
H143 COA B . 0.85 -5.33 -15.85
H10 COA B . 2.58 -8.56 -16.60
HO1 COA B . 4.65 -8.57 -16.59
HN8 COA B . 4.22 -8.14 -13.27
H71 COA B . 3.70 -9.29 -11.30
H72 COA B . 2.26 -9.96 -12.09
H61 COA B . 1.77 -8.41 -10.14
H62 COA B . 1.01 -7.92 -11.67
HN4 COA B . 1.09 -5.63 -11.94
H31 COA B . 2.20 -3.62 -12.41
H32 COA B . 3.70 -4.31 -11.76
H21 COA B . 3.03 -3.95 -9.51
H22 COA B . 1.34 -3.67 -9.98
HS1 COA B . 2.86 -1.23 -9.14
C10 A1H51 C . -0.60 0.74 -13.75
C13 A1H51 C . -0.83 0.05 -10.36
C17 A1H51 C . 0.25 -1.62 -7.00
C20 A1H51 C . 0.55 -2.74 -3.73
C22 A1H51 C . 2.40 -3.81 -3.87
C24 A1H51 C . -1.06 -2.38 -6.74
C01 A1H51 C . -5.04 3.08 -17.06
C02 A1H51 C . -5.96 4.25 -16.64
C03 A1H51 C . -5.41 5.62 -17.03
C04 A1H51 C . -4.40 6.19 -16.03
C05 A1H51 C . -2.95 6.01 -16.47
C06 A1H51 C . -2.02 5.47 -15.37
C07 A1H51 C . -1.59 4.05 -15.74
C08 A1H51 C . -1.05 3.22 -14.55
C09 A1H51 C . -0.87 1.73 -14.88
C11 A1H51 C . -0.09 1.23 -12.44
C12 A1H51 C . 0.29 0.20 -11.41
C14 A1H51 C . -0.51 -0.99 -9.28
C18 A1H51 C . 0.85 -1.08 -5.72
C19 A1H51 C . 1.28 -2.21 -4.79
N16 A1H51 C . -0.02 -0.58 -7.98
N21 A1H51 C . 1.27 -3.70 -3.19
N23 A1H51 C . 2.40 -2.90 -4.83
O15 A1H51 C . -0.69 -2.16 -9.49
O25 A1H51 C . -2.12 -1.79 -6.48
O26 A1H51 C . -1.05 -3.64 -6.79
H101 A1H51 C . 0.12 0.03 -14.12
H102 A1H51 C . -1.53 0.23 -13.54
H131 A1H51 C . -1.74 -0.25 -10.88
H132 A1H51 C . -0.98 1.01 -9.89
H171 A1H51 C . 0.99 -2.29 -7.41
H201 A1H51 C . -0.45 -2.43 -3.42
H221 A1H51 C . 3.19 -4.52 -3.66
H013 A1H51 C . -5.64 2.29 -17.50
H011 A1H51 C . -4.54 2.68 -16.17
H012 A1H51 C . -4.30 3.43 -17.77
H021 A1H51 C . -6.08 4.22 -15.56
H022 A1H51 C . -6.92 4.11 -17.12
H032 A1H51 C . -6.23 6.31 -17.11
H031 A1H51 C . -4.92 5.54 -18.01
H041 A1H51 C . -4.54 5.69 -15.08
H042 A1H51 C . -4.60 7.25 -15.90
H052 A1H51 C . -2.57 6.97 -16.80
H051 A1H51 C . -2.93 5.33 -17.31
H061 A1H51 C . -2.54 5.46 -14.43
H062 A1H51 C . -1.15 6.11 -15.29
H072 A1H51 C . -0.82 4.11 -16.50
H071 A1H51 C . -2.45 3.52 -16.16
H081 A1H51 C . -1.74 3.32 -13.72
H082 A1H51 C . -0.09 3.63 -14.25
H091 A1H51 C . -0.03 1.65 -15.57
H092 A1H51 C . -1.78 1.40 -15.37
H112 A1H51 C . -0.86 1.87 -12.01
H111 A1H51 C . 0.79 1.83 -12.64
H121 A1H51 C . 1.20 0.49 -10.91
H122 A1H51 C . 0.46 -0.76 -11.89
H181 A1H51 C . 1.71 -0.45 -5.96
H182 A1H51 C . 0.10 -0.47 -5.22
H161 A1H51 C . 0.12 0.39 -7.76
H231 A1H51 C . 3.14 -2.76 -5.48
C1 GOL D . 7.64 -8.06 -2.39
O1 GOL D . 7.25 -7.46 -3.61
C2 GOL D . 8.76 -9.09 -2.70
O2 GOL D . 9.98 -8.48 -2.90
C3 GOL D . 8.75 -10.04 -1.49
O3 GOL D . 9.79 -10.95 -1.69
H11 GOL D . 6.90 -8.51 -1.94
H12 GOL D . 7.97 -7.41 -1.75
HO1 GOL D . 6.45 -7.20 -3.50
H2 GOL D . 8.57 -9.56 -3.53
HO2 GOL D . 10.58 -9.01 -2.62
H31 GOL D . 7.88 -10.46 -1.43
H32 GOL D . 8.83 -9.52 -0.68
HO3 GOL D . 9.80 -11.47 -1.01
C1 GOL E . 19.18 4.32 1.27
O1 GOL E . 18.97 5.37 2.18
C2 GOL E . 20.16 3.36 1.91
O2 GOL E . 19.71 2.88 3.13
C3 GOL E . 20.37 2.21 0.92
O3 GOL E . 21.01 1.18 1.64
H11 GOL E . 19.54 4.63 0.41
H12 GOL E . 18.36 3.84 1.05
HO1 GOL E . 18.90 5.02 2.95
H2 GOL E . 21.00 3.83 2.08
HO2 GOL E . 20.15 2.17 3.32
H31 GOL E . 20.88 2.54 0.16
H32 GOL E . 19.51 1.95 0.55
HO3 GOL E . 21.82 1.45 1.77
#